data_5V42
#
_entry.id   5V42
#
_cell.length_a   89.362
_cell.length_b   109.399
_cell.length_c   56.895
_cell.angle_alpha   90.000
_cell.angle_beta   90.000
_cell.angle_gamma   90.000
#
_symmetry.space_group_name_H-M   'P 21 21 2'
#
loop_
_entity.id
_entity.type
_entity.pdbx_description
1 polymer 'Polyketide synthase Pks13 (Termination polyketide synthase)'
2 non-polymer 'ethyl 5-hydroxy-2-phenyl-4-(pyrrolidin-1-ylmethyl)-1-benzofuran-3-carboxylate'
3 water water
#
_entity_poly.entity_id   1
_entity_poly.type   'polypeptide(L)'
_entity_poly.pdbx_seq_one_letter_code
;SNAQIDGFVRTLRARPEAGGKVPVFVFHPAGGSTVVYEPLLGRLPADTPMYGFERVEGSIEERAQQYVPKLIEMQGDGPY
VLVGWSLGGVLAYACAIGLRRLGKDVRFVGLIDAVRAGEEIPQTKEEIRKRWDRYAAFAEKTFNVTIPAIPYEQLEELDD
EGQVRFVLDAVSQSGVQIPAGIIEHQRTSYLDNRAIDTAQIQPYDGHVTLYMADRYHDDAIMFEPRYAVRQPDGGWGEYV
SDLEVVPIGGEHIQAIDEPIIAKVGEHMSRALGQIEADRTSEVGKQ
;
_entity_poly.pdbx_strand_id   A,B
#
loop_
_chem_comp.id
_chem_comp.type
_chem_comp.name
_chem_comp.formula
I66 non-polymer 'ethyl 5-hydroxy-2-phenyl-4-(pyrrolidin-1-ylmethyl)-1-benzofuran-3-carboxylate' 'C22 H23 N O4'
#
# COMPACT_ATOMS: atom_id res chain seq x y z
N GLY A 7 -28.16 -8.49 -23.33
CA GLY A 7 -28.21 -9.00 -21.96
C GLY A 7 -27.39 -8.15 -21.02
N PHE A 8 -26.48 -8.75 -20.25
CA PHE A 8 -25.60 -7.93 -19.41
C PHE A 8 -24.13 -7.87 -19.89
N VAL A 9 -23.86 -8.36 -21.09
CA VAL A 9 -22.48 -8.29 -21.63
C VAL A 9 -22.34 -7.22 -22.70
N ARG A 10 -21.47 -6.24 -22.44
CA ARG A 10 -21.15 -5.21 -23.43
C ARG A 10 -19.85 -5.53 -24.11
N THR A 11 -19.83 -5.44 -25.43
CA THR A 11 -18.62 -5.65 -26.18
C THR A 11 -17.91 -4.31 -26.33
N LEU A 12 -16.74 -4.16 -25.71
CA LEU A 12 -15.98 -2.92 -25.85
C LEU A 12 -15.03 -3.05 -27.05
N ARG A 13 -14.38 -4.20 -27.15
CA ARG A 13 -13.60 -4.56 -28.32
C ARG A 13 -13.72 -6.06 -28.54
N ALA A 14 -14.27 -6.42 -29.68
CA ALA A 14 -14.52 -7.82 -29.96
C ALA A 14 -13.22 -8.57 -30.21
N ARG A 15 -13.15 -9.80 -29.69
CA ARG A 15 -12.06 -10.71 -30.01
C ARG A 15 -12.25 -11.19 -31.43
N PRO A 16 -11.16 -11.61 -32.10
CA PRO A 16 -11.28 -12.20 -33.45
C PRO A 16 -12.15 -13.45 -33.46
N GLU A 17 -12.58 -13.89 -34.63
CA GLU A 17 -13.40 -15.10 -34.73
C GLU A 17 -12.70 -16.30 -34.08
N ALA A 18 -11.41 -16.44 -34.33
CA ALA A 18 -10.60 -17.49 -33.72
C ALA A 18 -9.22 -16.98 -33.34
N GLY A 19 -8.68 -17.49 -32.22
CA GLY A 19 -7.36 -17.09 -31.79
C GLY A 19 -7.39 -15.69 -31.17
N GLY A 20 -6.24 -15.03 -31.15
CA GLY A 20 -6.17 -13.66 -30.66
C GLY A 20 -5.68 -13.60 -29.23
N LYS A 21 -5.64 -12.40 -28.66
CA LYS A 21 -5.15 -12.24 -27.31
C LYS A 21 -6.21 -12.55 -26.27
N VAL A 22 -5.78 -12.77 -25.04
CA VAL A 22 -6.70 -12.97 -23.92
C VAL A 22 -7.58 -11.73 -23.70
N PRO A 23 -8.90 -11.91 -23.61
CA PRO A 23 -9.73 -10.72 -23.36
C PRO A 23 -9.62 -10.23 -21.91
N VAL A 24 -9.82 -8.93 -21.71
CA VAL A 24 -9.94 -8.35 -20.39
C VAL A 24 -11.44 -8.26 -20.09
N PHE A 25 -11.88 -8.88 -19.01
CA PHE A 25 -13.26 -8.71 -18.60
C PHE A 25 -13.32 -7.63 -17.52
N VAL A 26 -14.13 -6.59 -17.76
CA VAL A 26 -14.29 -5.51 -16.78
C VAL A 26 -15.71 -5.51 -16.20
N PHE A 27 -15.85 -5.03 -14.98
CA PHE A 27 -17.12 -5.10 -14.30
C PHE A 27 -17.53 -3.70 -13.90
N HIS A 28 -18.81 -3.38 -14.07
CA HIS A 28 -19.32 -2.02 -13.90
C HIS A 28 -19.06 -1.47 -12.52
N PRO A 29 -18.97 -0.14 -12.40
CA PRO A 29 -18.81 0.49 -11.10
C PRO A 29 -20.17 0.83 -10.48
N ALA A 30 -20.16 1.21 -9.21
CA ALA A 30 -21.39 1.65 -8.55
C ALA A 30 -21.97 2.86 -9.25
N GLY A 31 -23.19 2.71 -9.74
CA GLY A 31 -23.94 3.78 -10.37
C GLY A 31 -23.52 4.09 -11.80
N GLY A 32 -22.88 3.15 -12.48
CA GLY A 32 -22.43 3.41 -13.85
C GLY A 32 -22.32 2.16 -14.70
N SER A 33 -21.90 2.32 -15.95
CA SER A 33 -21.80 1.18 -16.84
C SER A 33 -20.36 0.96 -17.22
N THR A 34 -20.07 -0.08 -18.00
CA THR A 34 -18.71 -0.37 -18.35
C THR A 34 -18.16 0.53 -19.44
N VAL A 35 -18.95 1.44 -20.02
CA VAL A 35 -18.37 2.41 -20.94
C VAL A 35 -17.23 3.19 -20.26
N VAL A 36 -17.20 3.19 -18.91
CA VAL A 36 -16.16 3.93 -18.21
C VAL A 36 -14.77 3.34 -18.37
N TYR A 37 -14.67 2.11 -18.88
CA TYR A 37 -13.37 1.47 -19.10
C TYR A 37 -12.76 1.76 -20.47
N GLU A 38 -13.41 2.62 -21.25
CA GLU A 38 -12.82 2.95 -22.54
C GLU A 38 -11.43 3.63 -22.43
N PRO A 39 -11.25 4.59 -21.47
CA PRO A 39 -9.89 5.14 -21.41
C PRO A 39 -8.86 4.06 -21.07
N LEU A 40 -9.20 3.15 -20.15
CA LEU A 40 -8.34 2.03 -19.84
C LEU A 40 -8.03 1.24 -21.11
N LEU A 41 -9.07 0.96 -21.89
CA LEU A 41 -8.93 0.16 -23.10
C LEU A 41 -7.93 0.81 -24.05
N GLY A 42 -7.94 2.15 -24.10
CA GLY A 42 -7.00 2.91 -24.89
C GLY A 42 -5.56 2.77 -24.43
N ARG A 43 -5.38 2.32 -23.18
CA ARG A 43 -4.02 2.24 -22.63
C ARG A 43 -3.52 0.80 -22.53
N LEU A 44 -4.29 -0.16 -23.06
CA LEU A 44 -3.89 -1.56 -23.15
C LEU A 44 -3.36 -1.92 -24.54
N PRO A 45 -2.67 -3.09 -24.67
CA PRO A 45 -2.06 -3.40 -25.97
C PRO A 45 -3.09 -3.48 -27.09
N ALA A 46 -2.63 -3.23 -28.32
CA ALA A 46 -3.51 -3.28 -29.50
C ALA A 46 -4.10 -4.67 -29.64
N ASP A 47 -5.37 -4.70 -30.03
CA ASP A 47 -6.11 -5.93 -30.28
C ASP A 47 -6.34 -6.72 -29.00
N THR A 48 -6.21 -6.07 -27.84
CA THR A 48 -6.66 -6.67 -26.59
C THR A 48 -8.18 -6.62 -26.54
N PRO A 49 -8.86 -7.79 -26.56
CA PRO A 49 -10.32 -7.74 -26.51
C PRO A 49 -10.83 -7.33 -25.14
N MET A 50 -12.01 -6.69 -25.09
CA MET A 50 -12.57 -6.27 -23.82
C MET A 50 -14.09 -6.45 -23.78
N TYR A 51 -14.57 -7.12 -22.74
CA TYR A 51 -16.01 -7.27 -22.50
C TYR A 51 -16.41 -6.76 -21.12
N GLY A 52 -17.50 -6.01 -21.06
CA GLY A 52 -17.93 -5.45 -19.79
C GLY A 52 -19.18 -6.14 -19.33
N PHE A 53 -19.24 -6.45 -18.04
CA PHE A 53 -20.40 -7.08 -17.43
C PHE A 53 -21.14 -6.02 -16.65
N GLU A 54 -22.41 -5.82 -16.98
CA GLU A 54 -23.20 -4.76 -16.37
C GLU A 54 -24.01 -5.28 -15.19
N ARG A 55 -24.76 -4.39 -14.54
CA ARG A 55 -25.51 -4.69 -13.31
C ARG A 55 -26.46 -5.88 -13.44
N VAL A 56 -26.43 -6.76 -12.43
CA VAL A 56 -27.46 -7.79 -12.26
C VAL A 56 -27.88 -7.77 -10.79
N GLU A 57 -28.95 -8.50 -10.45
CA GLU A 57 -29.52 -8.46 -9.10
C GLU A 57 -28.93 -9.47 -8.13
N GLY A 58 -28.93 -9.10 -6.84
CA GLY A 58 -28.65 -10.04 -5.78
C GLY A 58 -27.49 -9.65 -4.88
N SER A 59 -27.14 -10.54 -3.96
CA SER A 59 -25.93 -10.36 -3.17
C SER A 59 -24.73 -10.51 -4.10
N ILE A 60 -23.54 -10.16 -3.60
CA ILE A 60 -22.35 -10.27 -4.43
C ILE A 60 -22.24 -11.69 -4.99
N GLU A 61 -22.43 -12.66 -4.10
CA GLU A 61 -22.31 -14.07 -4.49
C GLU A 61 -23.39 -14.45 -5.51
N GLU A 62 -24.61 -13.93 -5.33
CA GLU A 62 -25.69 -14.17 -6.30
C GLU A 62 -25.37 -13.54 -7.66
N ARG A 63 -24.72 -12.37 -7.65
CA ARG A 63 -24.36 -11.73 -8.90
C ARG A 63 -23.32 -12.58 -9.61
N ALA A 64 -22.32 -13.05 -8.87
CA ALA A 64 -21.26 -13.88 -9.46
C ALA A 64 -21.83 -15.18 -10.02
N GLN A 65 -22.86 -15.72 -9.37
CA GLN A 65 -23.49 -16.94 -9.86
C GLN A 65 -24.11 -16.73 -11.24
N GLN A 66 -24.40 -15.48 -11.58
CA GLN A 66 -24.95 -15.18 -12.90
C GLN A 66 -23.80 -14.88 -13.87
N TYR A 67 -22.76 -14.21 -13.37
CA TYR A 67 -21.64 -13.86 -14.22
C TYR A 67 -20.76 -15.05 -14.65
N VAL A 68 -20.46 -15.93 -13.70
CA VAL A 68 -19.47 -17.01 -13.93
C VAL A 68 -19.84 -17.97 -15.06
N PRO A 69 -21.10 -18.46 -15.11
CA PRO A 69 -21.48 -19.30 -16.27
C PRO A 69 -21.28 -18.60 -17.61
N LYS A 70 -21.54 -17.30 -17.65
CA LYS A 70 -21.35 -16.50 -18.84
C LYS A 70 -19.88 -16.35 -19.20
N LEU A 71 -19.05 -16.14 -18.18
CA LEU A 71 -17.61 -16.06 -18.38
C LEU A 71 -17.12 -17.34 -19.03
N ILE A 72 -17.57 -18.46 -18.47
CA ILE A 72 -17.14 -19.77 -18.96
C ILE A 72 -17.63 -20.02 -20.39
N GLU A 73 -18.88 -19.62 -20.68
CA GLU A 73 -19.38 -19.76 -22.05
C GLU A 73 -18.47 -18.98 -23.02
N MET A 74 -18.02 -17.82 -22.59
CA MET A 74 -17.23 -16.96 -23.46
C MET A 74 -15.75 -17.37 -23.51
N GLN A 75 -15.23 -17.96 -22.44
CA GLN A 75 -13.77 -18.12 -22.33
C GLN A 75 -13.29 -19.51 -21.91
N GLY A 76 -14.21 -20.42 -21.61
CA GLY A 76 -13.86 -21.80 -21.35
C GLY A 76 -12.95 -22.06 -20.17
N ASP A 77 -11.80 -22.70 -20.41
CA ASP A 77 -10.92 -23.07 -19.29
C ASP A 77 -10.12 -21.87 -18.77
N GLY A 78 -10.09 -20.82 -19.59
CA GLY A 78 -9.27 -19.66 -19.33
C GLY A 78 -8.31 -19.45 -20.48
N PRO A 79 -7.33 -18.57 -20.29
CA PRO A 79 -7.08 -17.83 -19.04
C PRO A 79 -7.97 -16.59 -18.81
N TYR A 80 -8.24 -16.31 -17.54
CA TYR A 80 -9.13 -15.22 -17.16
C TYR A 80 -8.39 -13.98 -16.62
N VAL A 81 -8.73 -12.83 -17.18
CA VAL A 81 -8.29 -11.54 -16.69
C VAL A 81 -9.53 -10.78 -16.28
N LEU A 82 -9.59 -10.45 -15.00
CA LEU A 82 -10.80 -9.91 -14.39
C LEU A 82 -10.50 -8.58 -13.71
N VAL A 83 -11.19 -7.51 -14.14
CA VAL A 83 -10.78 -6.16 -13.71
C VAL A 83 -11.95 -5.30 -13.30
N GLY A 84 -11.78 -4.50 -12.26
CA GLY A 84 -12.87 -3.62 -11.88
C GLY A 84 -12.53 -2.44 -11.01
N TRP A 85 -13.17 -1.32 -11.32
CA TRP A 85 -13.13 -0.11 -10.49
C TRP A 85 -14.41 -0.08 -9.65
N SER A 86 -14.33 0.49 -8.45
CA SER A 86 -15.50 0.62 -7.57
C SER A 86 -16.08 -0.76 -7.29
N LEU A 87 -17.41 -0.89 -7.39
CA LEU A 87 -18.08 -2.18 -7.14
C LEU A 87 -17.56 -3.26 -8.07
N GLY A 88 -17.21 -2.85 -9.30
CA GLY A 88 -16.63 -3.72 -10.30
C GLY A 88 -15.45 -4.53 -9.80
N GLY A 89 -14.63 -3.93 -8.94
CA GLY A 89 -13.55 -4.67 -8.31
C GLY A 89 -13.99 -5.86 -7.46
N VAL A 90 -14.97 -5.63 -6.60
CA VAL A 90 -15.48 -6.70 -5.74
C VAL A 90 -16.11 -7.79 -6.60
N LEU A 91 -16.80 -7.38 -7.67
CA LEU A 91 -17.44 -8.33 -8.59
C LEU A 91 -16.39 -9.18 -9.31
N ALA A 92 -15.32 -8.54 -9.79
CA ALA A 92 -14.24 -9.26 -10.45
C ALA A 92 -13.64 -10.30 -9.51
N TYR A 93 -13.50 -9.89 -8.26
CA TYR A 93 -12.92 -10.74 -7.23
C TYR A 93 -13.81 -11.94 -6.91
N ALA A 94 -15.12 -11.68 -6.76
CA ALA A 94 -16.05 -12.76 -6.50
C ALA A 94 -16.03 -13.75 -7.68
N CYS A 95 -15.91 -13.24 -8.89
CA CYS A 95 -15.87 -14.12 -10.04
C CYS A 95 -14.58 -14.92 -10.03
N ALA A 96 -13.49 -14.29 -9.62
CA ALA A 96 -12.22 -15.00 -9.50
C ALA A 96 -12.35 -16.22 -8.60
N ILE A 97 -12.99 -16.03 -7.45
CA ILE A 97 -13.20 -17.12 -6.50
C ILE A 97 -14.07 -18.23 -7.10
N GLY A 98 -15.18 -17.85 -7.73
CA GLY A 98 -16.03 -18.82 -8.38
C GLY A 98 -15.31 -19.59 -9.49
N LEU A 99 -14.58 -18.88 -10.35
CA LEU A 99 -13.86 -19.54 -11.44
C LEU A 99 -12.81 -20.53 -10.89
N ARG A 100 -12.01 -20.11 -9.91
CA ARG A 100 -10.95 -20.97 -9.37
C ARG A 100 -11.52 -22.23 -8.72
N ARG A 101 -12.68 -22.08 -8.08
CA ARG A 101 -13.38 -23.20 -7.45
C ARG A 101 -13.86 -24.25 -8.47
N LEU A 102 -14.14 -23.83 -9.71
CA LEU A 102 -14.56 -24.77 -10.76
C LEU A 102 -13.40 -25.27 -11.62
N GLY A 103 -12.16 -25.01 -11.17
CA GLY A 103 -10.98 -25.49 -11.84
C GLY A 103 -10.46 -24.63 -12.99
N LYS A 104 -10.95 -23.39 -13.11
CA LYS A 104 -10.54 -22.52 -14.20
C LYS A 104 -9.23 -21.83 -13.87
N ASP A 105 -8.57 -21.30 -14.91
CA ASP A 105 -7.26 -20.65 -14.75
C ASP A 105 -7.37 -19.11 -14.75
N VAL A 106 -7.40 -18.52 -13.55
CA VAL A 106 -7.43 -17.07 -13.41
C VAL A 106 -6.00 -16.56 -13.23
N ARG A 107 -5.54 -15.75 -14.18
CA ARG A 107 -4.14 -15.26 -14.21
C ARG A 107 -3.99 -13.84 -13.72
N PHE A 108 -5.09 -13.10 -13.62
CA PHE A 108 -5.02 -11.70 -13.23
C PHE A 108 -6.34 -11.21 -12.68
N VAL A 109 -6.27 -10.57 -11.52
CA VAL A 109 -7.40 -9.85 -10.92
C VAL A 109 -6.98 -8.43 -10.64
N GLY A 110 -7.60 -7.48 -11.32
CA GLY A 110 -7.24 -6.08 -11.17
C GLY A 110 -8.29 -5.26 -10.45
N LEU A 111 -7.97 -4.86 -9.23
CA LEU A 111 -8.86 -3.97 -8.48
C LEU A 111 -8.43 -2.55 -8.71
N ILE A 112 -9.32 -1.74 -9.28
CA ILE A 112 -8.98 -0.35 -9.48
C ILE A 112 -9.62 0.46 -8.37
N ASP A 113 -8.77 0.82 -7.40
CA ASP A 113 -9.17 1.50 -6.16
C ASP A 113 -10.45 0.98 -5.53
N ALA A 114 -10.58 -0.34 -5.46
CA ALA A 114 -11.76 -0.93 -4.82
C ALA A 114 -11.48 -1.14 -3.34
N VAL A 115 -11.47 -0.04 -2.60
CA VAL A 115 -10.85 0.01 -1.29
C VAL A 115 -11.91 -0.14 -0.22
N ARG A 116 -11.68 -1.03 0.74
CA ARG A 116 -12.61 -1.24 1.86
C ARG A 116 -12.58 -0.07 2.81
N ALA A 117 -13.67 0.16 3.53
CA ALA A 117 -13.67 1.18 4.56
C ALA A 117 -12.58 0.86 5.58
N GLY A 118 -11.98 1.89 6.18
CA GLY A 118 -10.85 1.67 7.07
C GLY A 118 -11.29 1.01 8.37
N GLU A 119 -12.60 1.03 8.61
CA GLU A 119 -13.19 0.38 9.78
C GLU A 119 -14.32 -0.47 9.20
N GLU A 120 -14.59 -1.64 9.78
CA GLU A 120 -15.67 -2.49 9.26
C GLU A 120 -17.04 -1.83 9.46
N ILE A 121 -17.88 -1.91 8.43
CA ILE A 121 -19.24 -1.37 8.54
C ILE A 121 -20.14 -2.47 9.03
N PRO A 122 -20.58 -2.38 10.28
CA PRO A 122 -21.43 -3.48 10.74
C PRO A 122 -22.82 -3.51 10.04
N GLN A 123 -23.39 -4.71 9.94
CA GLN A 123 -24.72 -4.89 9.40
C GLN A 123 -25.63 -5.17 10.58
N THR A 124 -25.84 -4.15 11.41
CA THR A 124 -26.64 -4.29 12.59
C THR A 124 -27.80 -3.31 12.58
N LYS A 125 -28.79 -3.57 13.42
CA LYS A 125 -29.95 -2.70 13.51
C LYS A 125 -29.57 -1.32 14.03
N GLU A 126 -28.55 -1.29 14.88
CA GLU A 126 -28.01 -0.02 15.36
C GLU A 126 -27.46 0.79 14.18
N GLU A 127 -26.76 0.12 13.26
CA GLU A 127 -26.23 0.77 12.06
C GLU A 127 -27.31 1.25 11.12
N ILE A 128 -28.34 0.44 10.96
CA ILE A 128 -29.46 0.84 10.12
C ILE A 128 -30.07 2.14 10.64
N ARG A 129 -30.25 2.21 11.95
CA ARG A 129 -30.77 3.43 12.56
C ARG A 129 -29.82 4.61 12.39
N LYS A 130 -28.51 4.41 12.58
CA LYS A 130 -27.57 5.51 12.42
C LYS A 130 -27.50 6.02 10.98
N ARG A 131 -27.58 5.09 10.03
CA ARG A 131 -27.51 5.44 8.63
C ARG A 131 -28.68 6.32 8.23
N TRP A 132 -29.89 5.89 8.59
CA TRP A 132 -31.07 6.61 8.15
C TRP A 132 -31.21 7.93 8.92
N ASP A 133 -30.79 7.96 10.18
CA ASP A 133 -30.72 9.25 10.88
C ASP A 133 -29.80 10.20 10.12
N ARG A 134 -28.64 9.71 9.68
CA ARG A 134 -27.73 10.54 8.90
C ARG A 134 -28.41 11.01 7.60
N TYR A 135 -29.12 10.09 6.93
CA TYR A 135 -29.75 10.43 5.67
C TYR A 135 -30.86 11.46 5.86
N ALA A 136 -31.72 11.26 6.86
CA ALA A 136 -32.81 12.19 7.17
C ALA A 136 -32.27 13.61 7.39
N ALA A 137 -31.16 13.70 8.12
CA ALA A 137 -30.56 14.99 8.44
C ALA A 137 -30.11 15.74 7.19
N PHE A 138 -29.51 15.04 6.24
CA PHE A 138 -29.08 15.68 5.00
C PHE A 138 -30.28 16.08 4.15
N ALA A 139 -31.31 15.24 4.18
CA ALA A 139 -32.58 15.56 3.53
C ALA A 139 -33.20 16.85 4.08
N GLU A 140 -33.15 17.03 5.40
CA GLU A 140 -33.66 18.26 5.99
C GLU A 140 -32.86 19.46 5.45
N LYS A 141 -31.53 19.37 5.48
CA LYS A 141 -30.65 20.48 5.10
C LYS A 141 -30.67 20.79 3.60
N THR A 142 -30.73 19.75 2.77
CA THR A 142 -30.71 19.93 1.33
C THR A 142 -32.07 20.44 0.80
N PHE A 143 -33.15 20.11 1.50
CA PHE A 143 -34.49 20.41 0.99
C PHE A 143 -35.30 21.41 1.82
N ASN A 144 -34.75 21.87 2.94
CA ASN A 144 -35.45 22.82 3.82
C ASN A 144 -36.82 22.30 4.28
N VAL A 145 -36.83 21.25 5.10
CA VAL A 145 -38.08 20.63 5.50
C VAL A 145 -38.09 20.24 7.00
N PRO A 148 -39.70 14.07 10.10
CA PRO A 148 -40.34 13.57 11.32
C PRO A 148 -39.76 12.24 11.74
N ALA A 149 -40.23 11.73 12.88
CA ALA A 149 -39.68 10.51 13.46
C ALA A 149 -39.58 9.40 12.42
N ILE A 150 -38.43 8.74 12.44
CA ILE A 150 -38.07 7.72 11.48
C ILE A 150 -38.58 6.38 11.99
N PRO A 151 -39.41 5.71 11.18
CA PRO A 151 -40.05 4.46 11.59
C PRO A 151 -39.06 3.31 11.59
N TYR A 152 -38.12 3.34 12.54
CA TYR A 152 -37.02 2.38 12.57
C TYR A 152 -37.49 0.93 12.62
N GLU A 153 -38.57 0.70 13.35
CA GLU A 153 -39.11 -0.64 13.55
C GLU A 153 -39.39 -1.34 12.22
N GLN A 154 -39.99 -0.62 11.27
CA GLN A 154 -40.32 -1.22 9.98
C GLN A 154 -39.07 -1.37 9.10
N LEU A 155 -38.17 -0.41 9.16
CA LEU A 155 -36.97 -0.42 8.35
C LEU A 155 -35.99 -1.54 8.70
N GLU A 156 -35.85 -1.83 10.00
CA GLU A 156 -34.88 -2.83 10.48
C GLU A 156 -35.12 -4.20 9.87
N GLU A 157 -36.37 -4.49 9.54
CA GLU A 157 -36.71 -5.82 9.07
C GLU A 157 -36.69 -5.90 7.54
N LEU A 158 -36.37 -4.79 6.89
CA LEU A 158 -36.26 -4.73 5.44
C LEU A 158 -34.80 -4.90 5.03
N ASP A 159 -34.54 -5.52 3.88
CA ASP A 159 -33.19 -5.51 3.34
C ASP A 159 -32.97 -4.16 2.66
N ASP A 160 -31.78 -3.96 2.10
CA ASP A 160 -31.46 -2.66 1.50
C ASP A 160 -32.44 -2.28 0.41
N GLU A 161 -32.79 -3.24 -0.45
CA GLU A 161 -33.75 -2.99 -1.53
C GLU A 161 -35.11 -2.60 -0.95
N GLY A 162 -35.53 -3.34 0.07
CA GLY A 162 -36.78 -3.06 0.75
C GLY A 162 -36.74 -1.71 1.46
N GLN A 163 -35.61 -1.40 2.09
CA GLN A 163 -35.47 -0.12 2.78
C GLN A 163 -35.69 1.08 1.85
N VAL A 164 -35.07 1.07 0.67
CA VAL A 164 -35.20 2.21 -0.25
C VAL A 164 -36.57 2.26 -0.88
N ARG A 165 -37.18 1.10 -1.13
CA ARG A 165 -38.52 1.07 -1.70
C ARG A 165 -39.49 1.67 -0.68
N PHE A 166 -39.29 1.36 0.60
CA PHE A 166 -40.13 1.89 1.67
C PHE A 166 -40.00 3.41 1.77
N VAL A 167 -38.76 3.90 1.72
CA VAL A 167 -38.53 5.33 1.83
C VAL A 167 -39.07 6.08 0.60
N LEU A 168 -38.85 5.51 -0.58
CA LEU A 168 -39.36 6.11 -1.82
C LEU A 168 -40.89 6.12 -1.90
N ASP A 169 -41.51 5.00 -1.51
CA ASP A 169 -42.97 4.89 -1.41
C ASP A 169 -43.53 5.89 -0.42
N ALA A 170 -42.85 6.05 0.72
CA ALA A 170 -43.28 7.00 1.73
C ALA A 170 -43.09 8.43 1.24
N VAL A 171 -42.10 8.61 0.38
CA VAL A 171 -41.83 9.92 -0.19
C VAL A 171 -42.96 10.34 -1.14
N SER A 172 -43.35 9.44 -2.05
CA SER A 172 -44.39 9.78 -3.01
C SER A 172 -45.71 10.05 -2.31
N GLN A 173 -45.95 9.34 -1.21
CA GLN A 173 -47.16 9.51 -0.39
C GLN A 173 -47.15 10.85 0.36
N ILE A 178 -41.03 12.88 -7.99
CA ILE A 178 -39.74 12.76 -8.66
C ILE A 178 -39.84 11.86 -9.88
N PRO A 179 -39.31 12.31 -11.02
CA PRO A 179 -39.36 11.52 -12.26
C PRO A 179 -38.61 10.19 -12.17
N ALA A 180 -39.12 9.22 -12.92
CA ALA A 180 -38.69 7.83 -12.85
C ALA A 180 -37.22 7.62 -13.19
N GLY A 181 -36.72 8.35 -14.17
CA GLY A 181 -35.33 8.23 -14.59
C GLY A 181 -34.38 8.56 -13.46
N ILE A 182 -34.70 9.62 -12.73
CA ILE A 182 -33.89 10.07 -11.60
C ILE A 182 -33.99 9.08 -10.42
N ILE A 183 -35.21 8.63 -10.14
CA ILE A 183 -35.44 7.67 -9.05
C ILE A 183 -34.71 6.37 -9.33
N GLU A 184 -34.76 5.91 -10.57
CA GLU A 184 -34.08 4.66 -10.92
C GLU A 184 -32.57 4.80 -10.84
N HIS A 185 -32.03 5.95 -11.21
CA HIS A 185 -30.58 6.12 -11.13
C HIS A 185 -30.09 6.29 -9.69
N GLN A 186 -30.87 6.97 -8.85
CA GLN A 186 -30.51 7.07 -7.44
C GLN A 186 -30.63 5.72 -6.75
N ARG A 187 -31.68 4.98 -7.09
CA ARG A 187 -31.91 3.67 -6.51
C ARG A 187 -30.77 2.69 -6.79
N THR A 188 -30.45 2.47 -8.07
CA THR A 188 -29.42 1.48 -8.40
C THR A 188 -28.03 1.92 -7.95
N SER A 189 -27.78 3.23 -7.95
CA SER A 189 -26.51 3.75 -7.43
C SER A 189 -26.43 3.54 -5.92
N TYR A 190 -27.54 3.79 -5.23
CA TYR A 190 -27.56 3.55 -3.80
C TYR A 190 -27.35 2.08 -3.51
N LEU A 191 -28.06 1.20 -4.21
CA LEU A 191 -27.92 -0.22 -3.90
C LEU A 191 -26.53 -0.75 -4.27
N ASP A 192 -25.96 -0.27 -5.37
CA ASP A 192 -24.64 -0.74 -5.76
C ASP A 192 -23.58 -0.33 -4.72
N ASN A 193 -23.72 0.88 -4.18
CA ASN A 193 -22.84 1.32 -3.11
C ASN A 193 -23.02 0.53 -1.82
N ARG A 194 -24.26 0.19 -1.49
CA ARG A 194 -24.49 -0.63 -0.30
C ARG A 194 -23.93 -2.04 -0.53
N ALA A 195 -23.97 -2.50 -1.77
CA ALA A 195 -23.45 -3.84 -2.08
C ALA A 195 -21.96 -3.90 -1.74
N ILE A 196 -21.25 -2.80 -2.01
CA ILE A 196 -19.86 -2.65 -1.58
C ILE A 196 -19.74 -2.73 -0.05
N ASP A 197 -20.58 -1.97 0.64
CA ASP A 197 -20.58 -2.00 2.11
C ASP A 197 -20.79 -3.39 2.69
N THR A 198 -21.71 -4.14 2.11
CA THR A 198 -22.11 -5.41 2.74
C THR A 198 -21.41 -6.61 2.16
N ALA A 199 -20.43 -6.38 1.29
CA ALA A 199 -19.74 -7.50 0.70
C ALA A 199 -18.97 -8.30 1.76
N GLN A 200 -19.13 -9.62 1.75
CA GLN A 200 -18.42 -10.50 2.67
C GLN A 200 -17.27 -11.13 1.93
N ILE A 201 -16.08 -10.55 2.09
CA ILE A 201 -14.96 -10.95 1.25
C ILE A 201 -14.42 -12.31 1.69
N GLN A 202 -14.27 -13.20 0.72
CA GLN A 202 -13.70 -14.52 0.94
C GLN A 202 -12.22 -14.55 0.54
N PRO A 203 -11.46 -15.50 1.11
CA PRO A 203 -10.07 -15.59 0.67
C PRO A 203 -9.89 -16.14 -0.75
N TYR A 204 -8.80 -15.73 -1.39
CA TYR A 204 -8.46 -16.08 -2.76
C TYR A 204 -6.96 -16.27 -2.81
N ASP A 205 -6.52 -17.32 -3.49
CA ASP A 205 -5.12 -17.73 -3.39
C ASP A 205 -4.33 -17.33 -4.62
N GLY A 206 -4.97 -16.67 -5.57
CA GLY A 206 -4.29 -16.22 -6.77
C GLY A 206 -3.76 -14.81 -6.58
N HIS A 207 -3.11 -14.28 -7.62
CA HIS A 207 -2.50 -12.97 -7.53
C HIS A 207 -3.55 -11.88 -7.71
N VAL A 208 -3.52 -10.90 -6.83
CA VAL A 208 -4.42 -9.76 -6.97
C VAL A 208 -3.56 -8.51 -7.09
N THR A 209 -3.89 -7.67 -8.07
CA THR A 209 -3.25 -6.37 -8.20
C THR A 209 -4.23 -5.29 -7.78
N LEU A 210 -3.87 -4.52 -6.77
CA LEU A 210 -4.72 -3.43 -6.29
C LEU A 210 -4.12 -2.08 -6.66
N TYR A 211 -4.80 -1.37 -7.55
CA TYR A 211 -4.35 -0.02 -7.92
C TYR A 211 -4.91 0.96 -6.91
N MET A 212 -4.04 1.67 -6.20
CA MET A 212 -4.56 2.39 -5.04
C MET A 212 -4.38 3.89 -5.12
N ALA A 213 -5.51 4.61 -5.13
CA ALA A 213 -5.49 6.06 -5.06
C ALA A 213 -5.23 6.50 -3.61
N ASP A 214 -5.10 7.81 -3.39
CA ASP A 214 -4.87 8.31 -2.03
C ASP A 214 -6.10 8.29 -1.10
N ARG A 215 -7.29 8.55 -1.64
CA ARG A 215 -8.44 8.75 -0.77
C ARG A 215 -9.72 8.65 -1.56
N TYR A 216 -10.80 8.30 -0.86
CA TYR A 216 -12.12 8.47 -1.44
C TYR A 216 -12.45 9.96 -1.56
N HIS A 217 -13.25 10.29 -2.57
CA HIS A 217 -13.66 11.67 -2.79
C HIS A 217 -14.68 12.06 -1.72
N ASP A 218 -14.85 13.37 -1.54
CA ASP A 218 -15.58 13.91 -0.40
C ASP A 218 -17.04 13.44 -0.34
N ASP A 219 -17.65 13.30 -1.51
CA ASP A 219 -19.06 12.88 -1.56
C ASP A 219 -19.18 11.44 -1.04
N ALA A 220 -18.17 10.63 -1.33
CA ALA A 220 -18.15 9.25 -0.87
C ALA A 220 -18.05 9.20 0.65
N ILE A 221 -17.22 10.09 1.20
CA ILE A 221 -16.99 10.14 2.64
C ILE A 221 -18.21 10.67 3.38
N MET A 222 -18.95 11.59 2.77
CA MET A 222 -20.15 12.18 3.39
C MET A 222 -21.25 11.12 3.65
N PHE A 223 -21.38 10.18 2.72
CA PHE A 223 -22.36 9.11 2.85
C PHE A 223 -21.98 8.09 3.91
N GLU A 224 -20.67 7.84 4.03
CA GLU A 224 -20.19 6.85 4.99
C GLU A 224 -18.77 7.20 5.43
N PRO A 225 -18.67 7.84 6.60
CA PRO A 225 -17.42 8.42 7.14
C PRO A 225 -16.32 7.39 7.35
N ARG A 226 -16.64 6.10 7.46
CA ARG A 226 -15.61 5.07 7.59
C ARG A 226 -14.73 4.96 6.32
N TYR A 227 -15.17 5.56 5.21
CA TYR A 227 -14.34 5.55 4.00
C TYR A 227 -13.33 6.71 4.01
N ALA A 228 -13.33 7.49 5.09
CA ALA A 228 -12.39 8.59 5.23
C ALA A 228 -10.98 8.06 5.46
N VAL A 229 -10.92 6.86 6.01
CA VAL A 229 -9.66 6.24 6.33
C VAL A 229 -9.56 4.97 5.51
N ARG A 230 -8.37 4.70 4.97
CA ARG A 230 -8.10 3.45 4.27
C ARG A 230 -6.81 2.86 4.80
N GLN A 231 -6.75 1.54 4.89
CA GLN A 231 -5.51 0.87 5.26
C GLN A 231 -4.58 0.84 4.06
N PRO A 232 -3.27 0.60 4.28
CA PRO A 232 -2.36 0.57 3.13
C PRO A 232 -2.65 -0.56 2.14
N ASP A 233 -3.13 -1.71 2.62
CA ASP A 233 -3.48 -2.83 1.75
C ASP A 233 -4.93 -2.72 1.27
N GLY A 234 -5.58 -1.61 1.59
CA GLY A 234 -6.96 -1.36 1.16
C GLY A 234 -7.97 -2.33 1.75
N GLY A 235 -7.55 -3.06 2.78
CA GLY A 235 -8.39 -4.03 3.46
C GLY A 235 -8.37 -5.43 2.85
N TRP A 236 -7.48 -5.67 1.91
CA TRP A 236 -7.48 -6.95 1.19
C TRP A 236 -6.44 -7.96 1.69
N GLY A 237 -5.45 -7.49 2.45
CA GLY A 237 -4.38 -8.36 2.91
C GLY A 237 -4.78 -9.64 3.61
N GLU A 238 -5.80 -9.55 4.48
CA GLU A 238 -6.22 -10.73 5.23
C GLU A 238 -6.95 -11.77 4.37
N TYR A 239 -7.38 -11.38 3.18
CA TYR A 239 -8.08 -12.31 2.31
C TYR A 239 -7.15 -12.77 1.18
N VAL A 240 -6.12 -11.96 0.91
CA VAL A 240 -5.24 -12.18 -0.22
C VAL A 240 -3.80 -12.13 0.21
N SER A 241 -3.16 -13.29 0.25
CA SER A 241 -1.76 -13.30 0.63
C SER A 241 -0.89 -12.88 -0.57
N ASP A 242 -1.23 -13.32 -1.77
CA ASP A 242 -0.46 -12.90 -2.95
C ASP A 242 -0.99 -11.56 -3.48
N LEU A 243 -0.70 -10.49 -2.77
CA LEU A 243 -1.30 -9.19 -3.06
C LEU A 243 -0.24 -8.18 -3.45
N GLU A 244 -0.49 -7.51 -4.57
CA GLU A 244 0.41 -6.48 -5.06
C GLU A 244 -0.37 -5.15 -5.05
N VAL A 245 0.25 -4.08 -4.55
CA VAL A 245 -0.40 -2.78 -4.55
C VAL A 245 0.35 -1.81 -5.46
N VAL A 246 -0.39 -1.14 -6.35
CA VAL A 246 0.21 -0.21 -7.29
C VAL A 246 -0.37 1.15 -6.98
N PRO A 247 0.40 1.97 -6.24
CA PRO A 247 -0.07 3.30 -5.88
C PRO A 247 -0.19 4.20 -7.08
N ILE A 248 -1.31 4.92 -7.21
CA ILE A 248 -1.55 5.79 -8.37
C ILE A 248 -1.93 7.21 -7.99
N GLY A 249 -2.13 7.44 -6.70
CA GLY A 249 -2.41 8.77 -6.20
C GLY A 249 -3.81 9.26 -6.52
N GLY A 250 -4.05 10.53 -6.21
CA GLY A 250 -5.31 11.18 -6.57
C GLY A 250 -6.50 10.63 -5.80
N GLU A 251 -7.70 10.87 -6.32
CA GLU A 251 -8.93 10.44 -5.64
C GLU A 251 -9.58 9.25 -6.35
N HIS A 252 -10.46 8.56 -5.63
CA HIS A 252 -11.18 7.40 -6.16
C HIS A 252 -11.89 7.69 -7.48
N ILE A 253 -12.52 8.85 -7.54
CA ILE A 253 -13.31 9.26 -8.71
C ILE A 253 -12.43 9.46 -9.95
N GLN A 254 -11.17 9.81 -9.74
CA GLN A 254 -10.24 10.12 -10.84
C GLN A 254 -9.50 8.87 -11.33
N ALA A 255 -9.54 7.80 -10.55
CA ALA A 255 -8.70 6.63 -10.80
C ALA A 255 -9.02 5.98 -12.14
N ILE A 256 -10.23 6.20 -12.65
CA ILE A 256 -10.68 5.51 -13.85
C ILE A 256 -10.40 6.31 -15.14
N ASP A 257 -10.03 7.57 -14.97
CA ASP A 257 -9.86 8.49 -16.08
C ASP A 257 -8.41 8.83 -16.43
N GLU A 258 -8.23 9.39 -17.63
CA GLU A 258 -6.96 10.01 -17.94
C GLU A 258 -6.79 11.20 -17.00
N PRO A 259 -5.57 11.49 -16.54
CA PRO A 259 -4.28 10.85 -16.88
C PRO A 259 -3.89 9.68 -15.98
N ILE A 260 -4.54 9.52 -14.82
CA ILE A 260 -4.17 8.47 -13.85
C ILE A 260 -4.33 7.06 -14.43
N ILE A 261 -5.32 6.88 -15.28
CA ILE A 261 -5.56 5.56 -15.88
C ILE A 261 -4.36 5.14 -16.76
N ALA A 262 -3.55 6.10 -17.20
CA ALA A 262 -2.38 5.75 -17.99
C ALA A 262 -1.41 4.92 -17.13
N LYS A 263 -1.31 5.27 -15.85
CA LYS A 263 -0.41 4.57 -14.93
C LYS A 263 -0.91 3.15 -14.74
N VAL A 264 -2.21 3.02 -14.48
CA VAL A 264 -2.85 1.72 -14.38
C VAL A 264 -2.64 0.90 -15.66
N GLY A 265 -2.83 1.54 -16.81
CA GLY A 265 -2.79 0.82 -18.08
C GLY A 265 -1.39 0.37 -18.44
N GLU A 266 -0.41 1.19 -18.09
CA GLU A 266 1.00 0.85 -18.36
C GLU A 266 1.39 -0.40 -17.57
N HIS A 267 0.97 -0.46 -16.30
CA HIS A 267 1.30 -1.60 -15.46
C HIS A 267 0.55 -2.85 -15.91
N MET A 268 -0.73 -2.66 -16.17
CA MET A 268 -1.58 -3.77 -16.57
C MET A 268 -1.16 -4.32 -17.94
N SER A 269 -0.71 -3.45 -18.83
CA SER A 269 -0.16 -3.89 -20.12
C SER A 269 1.02 -4.81 -19.93
N ARG A 270 1.85 -4.55 -18.91
CA ARG A 270 3.02 -5.42 -18.66
C ARG A 270 2.55 -6.82 -18.23
N ALA A 271 1.54 -6.86 -17.37
CA ALA A 271 1.00 -8.13 -16.88
C ALA A 271 0.41 -8.94 -18.01
N LEU A 272 -0.30 -8.26 -18.91
CA LEU A 272 -0.94 -8.95 -20.04
C LEU A 272 0.11 -9.51 -20.98
N GLY A 273 1.19 -8.75 -21.18
CA GLY A 273 2.26 -9.18 -22.05
C GLY A 273 2.91 -10.46 -21.53
N GLN A 274 2.96 -10.61 -20.21
CA GLN A 274 3.55 -11.80 -19.61
C GLN A 274 2.66 -13.02 -19.78
N ILE A 275 1.36 -12.81 -19.61
CA ILE A 275 0.35 -13.85 -19.83
C ILE A 275 0.38 -14.34 -21.28
N GLU A 276 0.56 -13.41 -22.22
CA GLU A 276 0.61 -13.76 -23.64
C GLU A 276 1.88 -14.55 -23.98
N ALA A 277 2.99 -14.17 -23.36
CA ALA A 277 4.26 -14.84 -23.56
C ALA A 277 4.22 -16.24 -22.98
N ASP A 278 3.66 -16.36 -21.78
CA ASP A 278 3.54 -17.67 -21.17
C ASP A 278 2.74 -18.65 -22.04
N ARG A 279 1.65 -18.18 -22.67
CA ARG A 279 0.90 -19.05 -23.59
C ARG A 279 1.78 -19.41 -24.78
N THR A 280 2.67 -18.50 -25.17
CA THR A 280 3.65 -18.76 -26.22
C THR A 280 4.90 -19.49 -25.67
N GLN B 4 32.70 -11.35 9.21
CA GLN B 4 33.83 -10.43 9.30
C GLN B 4 33.46 -9.01 8.88
N ILE B 5 34.10 -8.02 9.51
CA ILE B 5 33.91 -6.63 9.17
C ILE B 5 35.19 -6.08 8.57
N ASP B 6 35.07 -5.01 7.79
CA ASP B 6 36.23 -4.29 7.28
C ASP B 6 35.82 -2.86 6.93
N GLY B 7 36.24 -1.91 7.74
CA GLY B 7 35.76 -0.55 7.60
C GLY B 7 34.29 -0.56 7.97
N PHE B 8 33.43 -0.09 7.09
CA PHE B 8 32.00 -0.16 7.37
C PHE B 8 31.32 -1.27 6.57
N VAL B 9 32.11 -2.15 5.98
CA VAL B 9 31.55 -3.24 5.19
C VAL B 9 31.60 -4.53 6.01
N ARG B 10 30.42 -5.09 6.22
CA ARG B 10 30.28 -6.40 6.86
C ARG B 10 29.99 -7.42 5.78
N THR B 11 30.70 -8.55 5.81
CA THR B 11 30.43 -9.63 4.86
C THR B 11 29.49 -10.66 5.50
N LEU B 12 28.26 -10.77 5.00
CA LEU B 12 27.35 -11.78 5.53
C LEU B 12 27.55 -13.08 4.74
N ARG B 13 27.66 -12.95 3.41
CA ARG B 13 28.13 -14.05 2.58
C ARG B 13 28.92 -13.47 1.42
N ALA B 14 30.19 -13.84 1.36
CA ALA B 14 31.09 -13.32 0.33
C ALA B 14 30.75 -13.94 -1.02
N ARG B 15 30.92 -13.18 -2.10
CA ARG B 15 30.80 -13.73 -3.44
C ARG B 15 31.98 -14.66 -3.74
N PRO B 16 31.76 -15.68 -4.58
CA PRO B 16 32.83 -16.60 -5.01
C PRO B 16 33.99 -15.90 -5.73
N GLY B 20 29.44 -16.14 -9.91
CA GLY B 20 28.45 -16.27 -8.86
C GLY B 20 27.26 -15.34 -9.12
N LYS B 21 26.33 -15.31 -8.18
CA LYS B 21 25.12 -14.52 -8.33
C LYS B 21 25.35 -13.04 -7.98
N VAL B 22 24.41 -12.19 -8.39
CA VAL B 22 24.44 -10.77 -8.06
C VAL B 22 24.34 -10.55 -6.54
N PRO B 23 25.25 -9.75 -5.99
CA PRO B 23 25.21 -9.51 -4.53
C PRO B 23 24.09 -8.60 -4.07
N VAL B 24 23.61 -8.84 -2.86
CA VAL B 24 22.65 -7.96 -2.23
C VAL B 24 23.35 -7.05 -1.24
N PHE B 25 23.25 -5.74 -1.46
CA PHE B 25 23.78 -4.79 -0.50
C PHE B 25 22.67 -4.36 0.45
N VAL B 26 22.92 -4.59 1.74
CA VAL B 26 21.95 -4.23 2.77
C VAL B 26 22.53 -3.13 3.65
N PHE B 27 21.68 -2.27 4.17
CA PHE B 27 22.13 -1.12 4.94
C PHE B 27 21.54 -1.20 6.33
N HIS B 28 22.34 -0.88 7.35
CA HIS B 28 21.94 -1.01 8.73
C HIS B 28 20.67 -0.22 9.06
N PRO B 29 19.90 -0.73 10.03
CA PRO B 29 18.74 0.01 10.49
C PRO B 29 19.10 0.94 11.64
N ALA B 30 18.19 1.85 11.98
CA ALA B 30 18.42 2.71 13.13
C ALA B 30 18.60 1.85 14.38
N GLY B 31 19.76 1.99 15.01
CA GLY B 31 20.05 1.31 16.27
C GLY B 31 20.46 -0.14 16.18
N GLY B 32 20.89 -0.61 15.02
CA GLY B 32 21.27 -2.01 14.85
C GLY B 32 22.29 -2.21 13.75
N SER B 33 22.71 -3.46 13.54
CA SER B 33 23.75 -3.74 12.56
C SER B 33 23.14 -4.55 11.42
N THR B 34 23.91 -4.81 10.38
CA THR B 34 23.37 -5.57 9.24
C THR B 34 23.30 -7.07 9.51
N VAL B 35 23.78 -7.52 10.68
CA VAL B 35 23.59 -8.90 11.12
C VAL B 35 22.07 -9.19 11.20
N VAL B 36 21.28 -8.13 11.29
CA VAL B 36 19.83 -8.31 11.41
C VAL B 36 19.24 -8.88 10.13
N TYR B 37 20.00 -8.86 9.04
CA TYR B 37 19.51 -9.37 7.77
C TYR B 37 19.78 -10.86 7.52
N GLU B 38 20.34 -11.56 8.51
CA GLU B 38 20.60 -13.00 8.36
C GLU B 38 19.31 -13.81 8.09
N PRO B 39 18.21 -13.55 8.83
CA PRO B 39 16.99 -14.29 8.48
C PRO B 39 16.55 -14.00 7.02
N LEU B 40 16.68 -12.75 6.58
CA LEU B 40 16.41 -12.46 5.18
C LEU B 40 17.30 -13.29 4.25
N LEU B 41 18.60 -13.35 4.55
CA LEU B 41 19.53 -14.07 3.69
C LEU B 41 19.11 -15.54 3.61
N GLY B 42 18.61 -16.07 4.72
CA GLY B 42 18.08 -17.44 4.76
C GLY B 42 16.88 -17.68 3.83
N ARG B 43 16.21 -16.61 3.42
CA ARG B 43 15.03 -16.75 2.55
C ARG B 43 15.30 -16.29 1.12
N LEU B 44 16.56 -16.00 0.82
CA LEU B 44 17.00 -15.69 -0.54
C LEU B 44 17.60 -16.92 -1.22
N PRO B 45 17.78 -16.89 -2.56
CA PRO B 45 18.32 -18.08 -3.23
C PRO B 45 19.67 -18.53 -2.69
N ALA B 46 19.99 -19.79 -2.94
CA ALA B 46 21.23 -20.35 -2.44
C ALA B 46 22.42 -19.57 -2.97
N ASP B 47 23.42 -19.36 -2.11
CA ASP B 47 24.68 -18.72 -2.51
C ASP B 47 24.51 -17.27 -2.94
N THR B 48 23.40 -16.65 -2.52
CA THR B 48 23.25 -15.22 -2.75
C THR B 48 24.24 -14.46 -1.88
N PRO B 49 25.17 -13.73 -2.53
CA PRO B 49 26.14 -12.99 -1.72
C PRO B 49 25.42 -11.82 -1.05
N MET B 50 25.88 -11.45 0.14
CA MET B 50 25.31 -10.31 0.84
C MET B 50 26.39 -9.54 1.60
N TYR B 51 26.43 -8.24 1.36
CA TYR B 51 27.32 -7.35 2.11
C TYR B 51 26.47 -6.29 2.78
N GLY B 52 26.83 -5.99 4.02
CA GLY B 52 26.11 -5.00 4.80
C GLY B 52 26.92 -3.75 4.99
N PHE B 53 26.28 -2.60 4.86
CA PHE B 53 26.96 -1.34 5.09
C PHE B 53 26.55 -0.85 6.46
N GLU B 54 27.53 -0.61 7.33
CA GLU B 54 27.27 -0.20 8.70
C GLU B 54 27.32 1.31 8.86
N ARG B 55 27.03 1.75 10.07
CA ARG B 55 26.89 3.17 10.38
C ARG B 55 28.12 4.04 10.02
N VAL B 56 27.87 5.18 9.39
CA VAL B 56 28.85 6.23 9.21
C VAL B 56 28.21 7.56 9.58
N GLU B 57 29.00 8.63 9.65
CA GLU B 57 28.49 9.95 10.05
C GLU B 57 27.99 10.80 8.88
N GLY B 58 27.07 11.70 9.20
CA GLY B 58 26.68 12.78 8.32
C GLY B 58 25.20 12.82 8.02
N SER B 59 24.82 13.73 7.14
CA SER B 59 23.45 13.75 6.63
C SER B 59 23.29 12.52 5.74
N ILE B 60 22.05 12.22 5.35
CA ILE B 60 21.81 11.08 4.48
C ILE B 60 22.75 11.19 3.29
N GLU B 61 22.81 12.40 2.73
CA GLU B 61 23.61 12.64 1.54
C GLU B 61 25.10 12.42 1.84
N GLU B 62 25.56 12.86 2.99
CA GLU B 62 26.97 12.68 3.38
C GLU B 62 27.31 11.19 3.58
N ARG B 63 26.36 10.45 4.12
CA ARG B 63 26.52 9.00 4.29
C ARG B 63 26.58 8.34 2.91
N ALA B 64 25.72 8.76 2.00
CA ALA B 64 25.67 8.17 0.67
C ALA B 64 26.96 8.42 -0.09
N GLN B 65 27.56 9.58 0.19
CA GLN B 65 28.79 10.00 -0.47
C GLN B 65 29.93 9.05 -0.15
N GLN B 66 29.85 8.37 1.00
CA GLN B 66 30.87 7.43 1.44
C GLN B 66 30.56 6.01 0.94
N TYR B 67 29.27 5.65 0.95
CA TYR B 67 28.85 4.32 0.53
C TYR B 67 29.01 4.11 -0.98
N VAL B 68 28.61 5.09 -1.77
CA VAL B 68 28.57 4.93 -3.23
C VAL B 68 29.96 4.59 -3.84
N PRO B 69 31.03 5.33 -3.47
CA PRO B 69 32.33 4.92 -4.01
C PRO B 69 32.73 3.49 -3.65
N LYS B 70 32.37 3.07 -2.44
CA LYS B 70 32.63 1.70 -1.99
C LYS B 70 31.82 0.69 -2.79
N LEU B 71 30.55 0.99 -3.03
CA LEU B 71 29.68 0.11 -3.81
C LEU B 71 30.31 -0.15 -5.18
N ILE B 72 30.79 0.93 -5.80
CA ILE B 72 31.40 0.86 -7.11
C ILE B 72 32.69 0.01 -7.11
N GLU B 73 33.53 0.12 -6.07
CA GLU B 73 34.74 -0.71 -5.99
C GLU B 73 34.39 -2.20 -5.98
N MET B 74 33.28 -2.52 -5.31
CA MET B 74 32.84 -3.90 -5.11
C MET B 74 32.06 -4.53 -6.27
N GLN B 75 31.33 -3.73 -7.05
CA GLN B 75 30.37 -4.28 -8.01
C GLN B 75 30.42 -3.60 -9.39
N GLY B 76 31.26 -2.57 -9.51
CA GLY B 76 31.48 -1.92 -10.79
C GLY B 76 30.26 -1.26 -11.43
N ASP B 77 29.90 -1.69 -12.63
CA ASP B 77 28.78 -1.09 -13.35
C ASP B 77 27.41 -1.59 -12.84
N GLY B 78 27.44 -2.70 -12.10
CA GLY B 78 26.22 -3.36 -11.69
C GLY B 78 26.19 -4.80 -12.16
N PRO B 79 25.02 -5.44 -12.04
CA PRO B 79 23.80 -4.78 -11.55
C PRO B 79 23.76 -4.58 -10.03
N TYR B 80 23.07 -3.53 -9.57
CA TYR B 80 22.98 -3.21 -8.15
C TYR B 80 21.61 -3.56 -7.58
N VAL B 81 21.66 -4.29 -6.47
CA VAL B 81 20.51 -4.62 -5.64
C VAL B 81 20.74 -4.00 -4.29
N LEU B 82 19.85 -3.11 -3.87
CA LEU B 82 20.06 -2.33 -2.66
C LEU B 82 18.85 -2.46 -1.76
N VAL B 83 19.07 -2.92 -0.53
CA VAL B 83 17.95 -3.30 0.32
C VAL B 83 18.17 -2.77 1.73
N GLY B 84 17.10 -2.32 2.39
CA GLY B 84 17.25 -1.87 3.76
C GLY B 84 15.95 -1.80 4.51
N TRP B 85 16.00 -2.15 5.79
CA TRP B 85 14.91 -2.01 6.75
C TRP B 85 15.17 -0.76 7.57
N SER B 86 14.11 -0.07 8.00
CA SER B 86 14.26 1.11 8.86
C SER B 86 15.12 2.18 8.15
N LEU B 87 16.08 2.79 8.85
CA LEU B 87 16.92 3.83 8.23
C LEU B 87 17.65 3.28 6.99
N GLY B 88 18.00 1.99 7.08
CA GLY B 88 18.64 1.29 5.98
C GLY B 88 17.90 1.44 4.65
N GLY B 89 16.58 1.46 4.71
CA GLY B 89 15.81 1.72 3.49
C GLY B 89 16.16 3.05 2.85
N VAL B 90 16.20 4.10 3.66
CA VAL B 90 16.49 5.44 3.15
C VAL B 90 17.90 5.53 2.58
N LEU B 91 18.84 4.85 3.25
CA LEU B 91 20.23 4.81 2.83
C LEU B 91 20.36 4.09 1.49
N ALA B 92 19.69 2.95 1.37
CA ALA B 92 19.73 2.21 0.12
C ALA B 92 19.22 3.08 -1.02
N TYR B 93 18.17 3.80 -0.71
CA TYR B 93 17.54 4.68 -1.70
C TYR B 93 18.44 5.82 -2.11
N ALA B 94 19.06 6.46 -1.12
CA ALA B 94 19.98 7.55 -1.42
C ALA B 94 21.12 7.07 -2.32
N CYS B 95 21.57 5.84 -2.06
CA CYS B 95 22.66 5.25 -2.86
C CYS B 95 22.20 4.94 -4.27
N ALA B 96 20.96 4.48 -4.40
CA ALA B 96 20.34 4.27 -5.72
C ALA B 96 20.40 5.56 -6.54
N ILE B 97 20.08 6.69 -5.91
CA ILE B 97 20.11 7.96 -6.63
C ILE B 97 21.54 8.26 -7.09
N GLY B 98 22.51 8.11 -6.19
CA GLY B 98 23.90 8.35 -6.53
C GLY B 98 24.44 7.44 -7.62
N LEU B 99 24.15 6.15 -7.50
CA LEU B 99 24.63 5.20 -8.48
C LEU B 99 24.05 5.55 -9.83
N ARG B 100 22.75 5.87 -9.86
CA ARG B 100 22.08 6.12 -11.13
C ARG B 100 22.64 7.36 -11.83
N ARG B 101 22.98 8.39 -11.05
CA ARG B 101 23.58 9.59 -11.62
C ARG B 101 24.93 9.32 -12.24
N LEU B 102 25.64 8.31 -11.72
CA LEU B 102 26.94 7.95 -12.28
C LEU B 102 26.82 6.90 -13.38
N GLY B 103 25.60 6.69 -13.87
CA GLY B 103 25.39 5.84 -15.03
C GLY B 103 25.35 4.36 -14.74
N LYS B 104 25.26 3.99 -13.46
CA LYS B 104 25.25 2.57 -13.09
C LYS B 104 23.86 1.95 -13.25
N ASP B 105 23.84 0.62 -13.27
CA ASP B 105 22.59 -0.11 -13.50
C ASP B 105 22.00 -0.59 -12.17
N VAL B 106 21.05 0.18 -11.65
CA VAL B 106 20.41 -0.18 -10.39
C VAL B 106 19.17 -0.99 -10.72
N ARG B 107 19.14 -2.27 -10.33
CA ARG B 107 18.00 -3.10 -10.77
C ARG B 107 16.93 -3.34 -9.73
N PHE B 108 17.23 -3.07 -8.47
CA PHE B 108 16.28 -3.35 -7.41
C PHE B 108 16.61 -2.50 -6.21
N VAL B 109 15.61 -1.83 -5.68
CA VAL B 109 15.70 -1.14 -4.42
C VAL B 109 14.59 -1.71 -3.54
N GLY B 110 14.96 -2.36 -2.44
CA GLY B 110 13.95 -2.95 -1.58
C GLY B 110 13.87 -2.22 -0.26
N LEU B 111 12.79 -1.49 -0.04
CA LEU B 111 12.61 -0.85 1.25
C LEU B 111 11.78 -1.77 2.14
N ILE B 112 12.34 -2.16 3.27
CA ILE B 112 11.60 -3.04 4.15
C ILE B 112 10.94 -2.19 5.23
N ASP B 113 9.65 -1.93 5.03
CA ASP B 113 8.84 -1.04 5.89
C ASP B 113 9.56 0.25 6.26
N ALA B 114 10.26 0.84 5.30
CA ALA B 114 10.91 2.12 5.53
C ALA B 114 9.93 3.25 5.24
N VAL B 115 8.94 3.40 6.12
CA VAL B 115 7.73 4.17 5.87
C VAL B 115 7.79 5.58 6.48
N ARG B 116 7.45 6.57 5.67
CA ARG B 116 7.45 7.96 6.07
C ARG B 116 6.31 8.23 7.02
N ALA B 117 6.50 9.19 7.92
CA ALA B 117 5.44 9.59 8.84
C ALA B 117 4.25 10.07 8.00
N GLY B 118 3.03 9.83 8.48
CA GLY B 118 1.85 10.14 7.68
C GLY B 118 1.61 11.64 7.57
N GLU B 119 2.29 12.40 8.42
CA GLU B 119 2.24 13.86 8.45
C GLU B 119 3.66 14.42 8.49
N GLU B 120 3.88 15.60 7.92
CA GLU B 120 5.20 16.21 7.95
C GLU B 120 5.60 16.53 9.40
N ILE B 121 6.83 16.20 9.74
CA ILE B 121 7.38 16.55 11.03
C ILE B 121 8.03 17.92 10.90
N PRO B 122 7.46 18.92 11.58
CA PRO B 122 8.02 20.28 11.47
C PRO B 122 9.41 20.35 12.09
N GLN B 123 10.22 21.27 11.61
CA GLN B 123 11.50 21.55 12.23
C GLN B 123 11.45 22.92 12.89
N THR B 124 10.71 23.01 13.99
CA THR B 124 10.54 24.28 14.69
C THR B 124 11.05 24.16 16.11
N LYS B 125 11.27 25.31 16.74
CA LYS B 125 11.74 25.31 18.11
C LYS B 125 10.65 24.78 19.03
N GLU B 126 9.39 25.04 18.67
CA GLU B 126 8.24 24.51 19.41
C GLU B 126 8.21 22.98 19.35
N GLU B 127 8.52 22.43 18.18
CA GLU B 127 8.58 20.98 18.00
C GLU B 127 9.74 20.38 18.79
N ILE B 128 10.85 21.12 18.84
CA ILE B 128 11.99 20.70 19.66
C ILE B 128 11.55 20.55 21.13
N ARG B 129 10.77 21.48 21.66
CA ARG B 129 10.28 21.33 23.04
C ARG B 129 9.34 20.13 23.18
N LYS B 130 8.45 19.96 22.21
CA LYS B 130 7.48 18.87 22.27
C LYS B 130 8.18 17.51 22.21
N ARG B 131 9.25 17.44 21.43
CA ARG B 131 9.98 16.18 21.29
C ARG B 131 10.56 15.71 22.62
N TRP B 132 11.22 16.62 23.32
CA TRP B 132 11.92 16.22 24.53
C TRP B 132 10.96 15.93 25.68
N ASP B 133 9.85 16.65 25.73
CA ASP B 133 8.77 16.36 26.67
C ASP B 133 8.24 14.95 26.47
N ARG B 134 8.03 14.62 25.20
CA ARG B 134 7.56 13.31 24.78
C ARG B 134 8.60 12.26 25.18
N TYR B 135 9.88 12.61 25.00
CA TYR B 135 10.97 11.69 25.32
C TYR B 135 11.04 11.44 26.83
N ALA B 136 10.90 12.50 27.61
CA ALA B 136 10.92 12.42 29.07
C ALA B 136 9.84 11.50 29.64
N ALA B 137 8.61 11.66 29.17
CA ALA B 137 7.47 10.90 29.68
C ALA B 137 7.65 9.40 29.46
N PHE B 138 8.19 9.03 28.30
CA PHE B 138 8.40 7.62 27.99
C PHE B 138 9.48 7.02 28.91
N ALA B 139 10.55 7.78 29.16
CA ALA B 139 11.59 7.34 30.08
C ALA B 139 11.03 7.12 31.49
N GLU B 140 10.22 8.06 31.95
CA GLU B 140 9.59 7.96 33.26
C GLU B 140 8.70 6.73 33.32
N LYS B 141 7.87 6.54 32.30
CA LYS B 141 6.90 5.45 32.31
C LYS B 141 7.59 4.09 32.17
N THR B 142 8.59 4.00 31.31
CA THR B 142 9.32 2.74 31.12
C THR B 142 10.35 2.56 32.24
N THR B 146 12.99 9.25 36.52
CA THR B 146 12.81 10.65 36.88
C THR B 146 13.78 11.55 36.13
N ILE B 147 13.36 12.00 34.95
CA ILE B 147 14.15 12.97 34.21
C ILE B 147 14.02 14.34 34.91
N PRO B 148 15.12 15.09 35.00
CA PRO B 148 15.12 16.43 35.61
C PRO B 148 14.57 17.52 34.69
N ALA B 149 14.46 18.74 35.22
CA ALA B 149 13.86 19.85 34.48
C ALA B 149 14.52 20.03 33.11
N ILE B 150 13.70 20.15 32.06
CA ILE B 150 14.23 20.29 30.72
C ILE B 150 14.37 21.78 30.39
N PRO B 151 15.61 22.25 30.33
CA PRO B 151 15.88 23.67 30.06
C PRO B 151 15.71 24.00 28.57
N TYR B 152 14.46 24.06 28.12
CA TYR B 152 14.12 24.25 26.71
C TYR B 152 14.80 25.45 26.06
N GLU B 153 15.07 26.49 26.86
CA GLU B 153 15.71 27.70 26.35
C GLU B 153 17.03 27.39 25.64
N GLN B 154 17.85 26.53 26.25
CA GLN B 154 19.14 26.13 25.69
C GLN B 154 18.99 25.14 24.54
N LEU B 155 18.02 24.25 24.65
CA LEU B 155 17.80 23.21 23.64
C LEU B 155 17.42 23.74 22.26
N GLU B 156 16.57 24.78 22.23
CA GLU B 156 16.02 25.32 20.98
C GLU B 156 17.09 25.71 19.97
N GLU B 157 18.26 26.08 20.45
CA GLU B 157 19.31 26.58 19.56
C GLU B 157 20.30 25.49 19.14
N LEU B 158 20.12 24.27 19.65
CA LEU B 158 21.03 23.18 19.31
C LEU B 158 20.53 22.35 18.14
N ASP B 159 21.45 21.79 17.37
CA ASP B 159 21.06 20.78 16.38
C ASP B 159 20.78 19.47 17.10
N ASP B 160 20.40 18.41 16.37
CA ASP B 160 20.05 17.14 17.01
C ASP B 160 21.22 16.56 17.85
N GLU B 161 22.42 16.66 17.33
CA GLU B 161 23.58 16.14 18.02
C GLU B 161 23.75 16.83 19.36
N GLY B 162 23.69 18.15 19.36
CA GLY B 162 23.84 18.94 20.57
C GLY B 162 22.72 18.71 21.56
N GLN B 163 21.49 18.63 21.08
CA GLN B 163 20.33 18.42 21.96
C GLN B 163 20.46 17.13 22.77
N VAL B 164 20.82 16.03 22.10
CA VAL B 164 20.85 14.77 22.81
C VAL B 164 22.03 14.72 23.80
N ARG B 165 23.17 15.32 23.42
CA ARG B 165 24.31 15.38 24.34
C ARG B 165 23.98 16.23 25.58
N PHE B 166 23.28 17.33 25.35
CA PHE B 166 22.87 18.24 26.41
C PHE B 166 21.90 17.56 27.38
N VAL B 167 20.93 16.83 26.84
CA VAL B 167 19.94 16.15 27.67
C VAL B 167 20.57 14.98 28.44
N LEU B 168 21.50 14.26 27.79
CA LEU B 168 22.20 13.17 28.47
C LEU B 168 23.02 13.70 29.64
N ASP B 169 23.71 14.82 29.40
CA ASP B 169 24.45 15.50 30.47
C ASP B 169 23.53 15.89 31.63
N ALA B 170 22.35 16.40 31.32
CA ALA B 170 21.43 16.81 32.38
C ALA B 170 20.92 15.61 33.17
N VAL B 171 20.83 14.46 32.52
CA VAL B 171 20.39 13.24 33.18
C VAL B 171 21.44 12.71 34.15
N SER B 172 22.68 12.59 33.72
CA SER B 172 23.72 12.11 34.61
C SER B 172 23.91 13.10 35.76
N GLN B 173 23.70 14.37 35.46
CA GLN B 173 23.82 15.45 36.42
C GLN B 173 22.77 15.40 37.54
N SER B 174 21.69 14.65 37.33
CA SER B 174 20.66 14.51 38.35
C SER B 174 20.83 13.24 39.15
N GLY B 175 21.95 12.54 38.93
CA GLY B 175 22.24 11.34 39.70
C GLY B 175 22.16 10.04 38.93
N VAL B 176 21.34 9.99 37.88
CA VAL B 176 21.13 8.75 37.14
C VAL B 176 22.42 8.27 36.45
N GLN B 177 22.77 7.00 36.66
CA GLN B 177 24.09 6.51 36.23
C GLN B 177 24.05 5.34 35.24
N ILE B 178 23.35 5.52 34.12
CA ILE B 178 23.44 4.57 33.03
C ILE B 178 24.92 4.39 32.60
N PRO B 179 25.33 3.13 32.38
CA PRO B 179 26.70 2.84 31.93
C PRO B 179 26.99 3.44 30.55
N ALA B 180 28.23 3.85 30.33
CA ALA B 180 28.59 4.66 29.17
C ALA B 180 28.33 3.95 27.83
N GLY B 181 28.57 2.64 27.77
CA GLY B 181 28.34 1.91 26.54
C GLY B 181 26.89 2.00 26.14
N ILE B 182 26.00 1.89 27.11
CA ILE B 182 24.58 1.91 26.83
C ILE B 182 24.13 3.29 26.38
N ILE B 183 24.63 4.32 27.05
CA ILE B 183 24.29 5.69 26.68
C ILE B 183 24.70 5.98 25.22
N GLU B 184 25.90 5.54 24.83
CA GLU B 184 26.37 5.85 23.48
C GLU B 184 25.53 5.14 22.42
N HIS B 185 25.09 3.94 22.72
CA HIS B 185 24.25 3.19 21.79
C HIS B 185 22.87 3.83 21.68
N GLN B 186 22.36 4.33 22.79
CA GLN B 186 21.10 5.05 22.80
C GLN B 186 21.23 6.38 22.05
N ARG B 187 22.36 7.04 22.26
CA ARG B 187 22.63 8.30 21.56
C ARG B 187 22.60 8.11 20.03
N THR B 188 23.36 7.14 19.51
CA THR B 188 23.38 6.94 18.05
C THR B 188 22.04 6.40 17.54
N SER B 189 21.35 5.61 18.36
CA SER B 189 20.03 5.08 18.01
C SER B 189 19.03 6.22 17.87
N TYR B 190 19.09 7.16 18.81
CA TYR B 190 18.26 8.34 18.72
C TYR B 190 18.57 9.15 17.45
N LEU B 191 19.85 9.37 17.17
CA LEU B 191 20.18 10.19 16.02
C LEU B 191 19.85 9.52 14.70
N ASP B 192 20.01 8.19 14.66
CA ASP B 192 19.71 7.48 13.41
C ASP B 192 18.20 7.53 13.18
N ASN B 193 17.42 7.51 14.25
CA ASN B 193 15.98 7.70 14.12
C ASN B 193 15.60 9.09 13.64
N ARG B 194 16.32 10.10 14.12
CA ARG B 194 16.08 11.48 13.67
C ARG B 194 16.51 11.66 12.20
N ALA B 195 17.54 10.91 11.78
CA ALA B 195 17.99 10.99 10.38
C ALA B 195 16.86 10.55 9.47
N ILE B 196 16.09 9.57 9.92
CA ILE B 196 14.87 9.20 9.22
C ILE B 196 13.86 10.36 9.15
N ASP B 197 13.58 10.99 10.29
CA ASP B 197 12.63 12.12 10.35
C ASP B 197 13.00 13.27 9.41
N THR B 198 14.28 13.61 9.36
CA THR B 198 14.70 14.83 8.67
C THR B 198 15.19 14.55 7.24
N ALA B 199 15.05 13.31 6.78
CA ALA B 199 15.58 12.95 5.48
C ALA B 199 14.91 13.78 4.39
N GLN B 200 15.70 14.32 3.48
CA GLN B 200 15.12 15.07 2.38
C GLN B 200 15.10 14.18 1.14
N ILE B 201 13.98 13.51 0.92
CA ILE B 201 13.93 12.51 -0.13
C ILE B 201 13.87 13.16 -1.52
N GLN B 202 14.76 12.71 -2.39
CA GLN B 202 14.82 13.20 -3.77
C GLN B 202 14.11 12.19 -4.66
N PRO B 203 13.68 12.63 -5.85
CA PRO B 203 13.00 11.69 -6.74
C PRO B 203 13.96 10.67 -7.37
N TYR B 204 13.44 9.48 -7.68
CA TYR B 204 14.25 8.41 -8.25
C TYR B 204 13.46 7.73 -9.36
N ASP B 205 14.10 7.43 -10.48
CA ASP B 205 13.33 7.07 -11.66
C ASP B 205 13.33 5.57 -11.95
N GLY B 206 14.01 4.81 -11.09
CA GLY B 206 14.02 3.37 -11.21
C GLY B 206 12.92 2.71 -10.38
N HIS B 207 12.86 1.40 -10.46
CA HIS B 207 11.84 0.64 -9.76
C HIS B 207 12.21 0.51 -8.27
N VAL B 208 11.25 0.80 -7.41
CA VAL B 208 11.40 0.63 -5.97
C VAL B 208 10.31 -0.31 -5.47
N THR B 209 10.72 -1.28 -4.67
CA THR B 209 9.78 -2.19 -4.01
C THR B 209 9.68 -1.88 -2.51
N LEU B 210 8.47 -1.56 -2.06
CA LEU B 210 8.24 -1.25 -0.67
C LEU B 210 7.48 -2.37 0.01
N TYR B 211 8.13 -3.07 0.93
CA TYR B 211 7.43 -4.09 1.71
C TYR B 211 6.79 -3.38 2.89
N MET B 212 5.46 -3.43 2.98
CA MET B 212 4.77 -2.59 3.95
C MET B 212 4.04 -3.40 4.99
N ALA B 213 4.44 -3.20 6.24
CA ALA B 213 3.73 -3.77 7.39
C ALA B 213 2.43 -2.99 7.62
N ASP B 214 1.64 -3.44 8.59
CA ASP B 214 0.40 -2.74 8.90
C ASP B 214 0.62 -1.39 9.57
N ARG B 215 1.66 -1.32 10.41
CA ARG B 215 1.83 -0.21 11.34
C ARG B 215 3.20 -0.16 11.97
N TYR B 216 3.62 1.03 12.41
CA TYR B 216 4.76 1.11 13.31
C TYR B 216 4.39 0.58 14.70
N HIS B 217 5.38 0.04 15.40
CA HIS B 217 5.17 -0.50 16.74
C HIS B 217 4.99 0.64 17.75
N ASP B 218 4.46 0.32 18.93
CA ASP B 218 4.00 1.34 19.86
C ASP B 218 5.12 2.30 20.29
N ASP B 219 6.31 1.76 20.50
CA ASP B 219 7.40 2.59 21.00
C ASP B 219 7.82 3.63 19.98
N ALA B 220 7.78 3.27 18.69
CA ALA B 220 8.13 4.21 17.64
C ALA B 220 7.09 5.32 17.61
N ILE B 221 5.85 4.92 17.80
CA ILE B 221 4.73 5.85 17.75
C ILE B 221 4.78 6.77 18.97
N MET B 222 5.22 6.21 20.10
CA MET B 222 5.34 6.99 21.35
C MET B 222 6.36 8.11 21.16
N PHE B 223 7.43 7.80 20.44
CA PHE B 223 8.48 8.77 20.18
C PHE B 223 8.04 9.84 19.17
N GLU B 224 7.21 9.45 18.22
CA GLU B 224 6.75 10.38 17.21
C GLU B 224 5.39 9.93 16.68
N PRO B 225 4.32 10.47 17.27
CA PRO B 225 2.97 10.01 16.98
C PRO B 225 2.56 10.15 15.52
N ARG B 226 3.23 11.00 14.75
CA ARG B 226 2.88 11.11 13.32
C ARG B 226 3.14 9.82 12.55
N TYR B 227 3.87 8.90 13.17
CA TYR B 227 4.09 7.59 12.58
C TYR B 227 2.94 6.63 12.86
N ALA B 228 1.92 7.12 13.57
CA ALA B 228 0.71 6.34 13.82
C ALA B 228 -0.11 6.18 12.52
N VAL B 229 0.15 7.07 11.56
CA VAL B 229 -0.60 7.13 10.32
C VAL B 229 0.28 6.71 9.15
N ARG B 230 -0.28 5.90 8.25
CA ARG B 230 0.44 5.52 7.05
C ARG B 230 -0.41 5.71 5.82
N GLN B 231 0.21 6.27 4.78
CA GLN B 231 -0.40 6.38 3.47
C GLN B 231 -0.18 5.07 2.73
N PRO B 232 -0.98 4.84 1.68
CA PRO B 232 -0.83 3.61 0.89
C PRO B 232 0.50 3.55 0.15
N ASP B 233 1.06 4.69 -0.22
CA ASP B 233 2.37 4.70 -0.86
C ASP B 233 3.49 4.78 0.17
N GLY B 234 3.13 4.80 1.46
CA GLY B 234 4.12 4.86 2.53
C GLY B 234 4.93 6.15 2.51
N GLY B 235 4.40 7.14 1.78
CA GLY B 235 5.01 8.44 1.61
C GLY B 235 6.02 8.52 0.46
N TRP B 236 6.13 7.46 -0.33
CA TRP B 236 7.14 7.38 -1.39
C TRP B 236 6.61 7.70 -2.80
N GLY B 237 5.29 7.65 -2.95
CA GLY B 237 4.65 7.87 -4.25
C GLY B 237 5.05 9.13 -5.01
N GLU B 238 5.17 10.25 -4.32
CA GLU B 238 5.54 11.48 -5.02
C GLU B 238 7.00 11.49 -5.47
N TYR B 239 7.81 10.58 -4.95
CA TYR B 239 9.22 10.54 -5.31
C TYR B 239 9.54 9.42 -6.28
N VAL B 240 8.68 8.40 -6.31
CA VAL B 240 8.90 7.21 -7.10
C VAL B 240 7.64 6.91 -7.92
N SER B 241 7.70 7.10 -9.24
CA SER B 241 6.52 6.78 -10.04
C SER B 241 6.45 5.27 -10.24
N ASP B 242 7.60 4.64 -10.46
CA ASP B 242 7.66 3.19 -10.61
C ASP B 242 7.76 2.52 -9.24
N LEU B 243 6.66 2.53 -8.51
CA LEU B 243 6.66 2.06 -7.12
C LEU B 243 5.74 0.85 -6.98
N GLU B 244 6.27 -0.22 -6.40
CA GLU B 244 5.52 -1.43 -6.14
C GLU B 244 5.48 -1.58 -4.63
N VAL B 245 4.30 -1.87 -4.09
CA VAL B 245 4.14 -2.05 -2.67
C VAL B 245 3.67 -3.48 -2.40
N VAL B 246 4.34 -4.16 -1.47
CA VAL B 246 4.00 -5.53 -1.16
C VAL B 246 3.60 -5.59 0.32
N PRO B 247 2.30 -5.71 0.58
CA PRO B 247 1.82 -5.80 1.97
C PRO B 247 2.31 -7.07 2.63
N ILE B 248 2.81 -6.94 3.86
CA ILE B 248 3.39 -8.09 4.52
C ILE B 248 2.76 -8.27 5.91
N GLY B 249 1.93 -7.30 6.29
CA GLY B 249 1.20 -7.35 7.55
C GLY B 249 2.10 -7.13 8.76
N GLY B 250 1.54 -7.31 9.95
CA GLY B 250 2.33 -7.24 11.17
C GLY B 250 2.86 -5.85 11.50
N GLU B 251 3.87 -5.79 12.36
CA GLU B 251 4.38 -4.49 12.81
C GLU B 251 5.79 -4.21 12.28
N HIS B 252 6.21 -2.93 12.28
CA HIS B 252 7.52 -2.53 11.77
C HIS B 252 8.64 -3.35 12.35
N ILE B 253 8.57 -3.56 13.66
CA ILE B 253 9.61 -4.28 14.37
C ILE B 253 9.68 -5.76 13.93
N GLN B 254 8.58 -6.32 13.45
CA GLN B 254 8.51 -7.75 13.11
C GLN B 254 8.94 -8.02 11.67
N ALA B 255 9.03 -6.96 10.86
CA ALA B 255 9.18 -7.13 9.42
C ALA B 255 10.48 -7.82 9.02
N ILE B 256 11.52 -7.74 9.85
CA ILE B 256 12.82 -8.34 9.48
C ILE B 256 12.98 -9.75 10.04
N ASP B 257 12.04 -10.17 10.89
CA ASP B 257 12.14 -11.47 11.57
C ASP B 257 11.18 -12.51 10.97
N GLU B 258 11.43 -13.79 11.25
CA GLU B 258 10.46 -14.83 10.95
C GLU B 258 9.22 -14.59 11.80
N PRO B 259 8.02 -14.89 11.26
CA PRO B 259 7.79 -15.47 9.93
C PRO B 259 7.59 -14.45 8.82
N ILE B 260 7.39 -13.18 9.16
CA ILE B 260 7.09 -12.16 8.15
C ILE B 260 8.19 -12.02 7.10
N ILE B 261 9.45 -12.20 7.50
CA ILE B 261 10.57 -12.05 6.57
C ILE B 261 10.50 -13.08 5.43
N ALA B 262 9.82 -14.20 5.65
CA ALA B 262 9.66 -15.23 4.61
C ALA B 262 8.86 -14.68 3.45
N LYS B 263 7.88 -13.85 3.79
CA LYS B 263 7.04 -13.19 2.82
C LYS B 263 7.88 -12.23 1.99
N VAL B 264 8.71 -11.45 2.67
CA VAL B 264 9.63 -10.57 1.98
C VAL B 264 10.57 -11.36 1.07
N GLY B 265 11.10 -12.45 1.61
CA GLY B 265 12.10 -13.25 0.91
C GLY B 265 11.54 -14.01 -0.27
N GLU B 266 10.28 -14.45 -0.16
CA GLU B 266 9.65 -15.16 -1.27
C GLU B 266 9.58 -14.22 -2.47
N HIS B 267 9.14 -12.99 -2.22
CA HIS B 267 8.99 -12.01 -3.29
C HIS B 267 10.34 -11.59 -3.86
N MET B 268 11.27 -11.26 -2.97
CA MET B 268 12.57 -10.74 -3.39
C MET B 268 13.35 -11.79 -4.15
N SER B 269 13.19 -13.06 -3.75
CA SER B 269 13.80 -14.18 -4.49
C SER B 269 13.32 -14.20 -5.94
N ARG B 270 12.06 -13.86 -6.19
CA ARG B 270 11.56 -13.82 -7.56
C ARG B 270 12.22 -12.69 -8.34
N ALA B 271 12.41 -11.52 -7.73
CA ALA B 271 13.05 -10.43 -8.44
C ALA B 271 14.51 -10.77 -8.79
N LEU B 272 15.23 -11.39 -7.85
CA LEU B 272 16.64 -11.73 -8.12
C LEU B 272 16.73 -12.80 -9.20
N GLY B 273 15.80 -13.76 -9.17
CA GLY B 273 15.83 -14.81 -10.17
C GLY B 273 15.65 -14.19 -11.54
N GLN B 274 14.84 -13.14 -11.60
CA GLN B 274 14.57 -12.48 -12.87
C GLN B 274 15.80 -11.69 -13.30
N ILE B 275 16.44 -11.05 -12.33
CA ILE B 275 17.70 -10.37 -12.59
C ILE B 275 18.79 -11.33 -13.07
N GLU B 276 18.84 -12.51 -12.47
CA GLU B 276 19.86 -13.50 -12.85
C GLU B 276 19.65 -14.04 -14.28
N ALA B 277 18.40 -14.26 -14.66
CA ALA B 277 18.07 -14.76 -16.00
C ALA B 277 18.38 -13.71 -17.06
N ASP B 278 18.01 -12.47 -16.76
CA ASP B 278 18.25 -11.33 -17.65
C ASP B 278 19.75 -11.17 -17.96
N ARG B 279 20.61 -11.49 -16.99
CA ARG B 279 22.05 -11.44 -17.16
C ARG B 279 22.51 -12.34 -18.30
O1 I66 C . -20.89 6.83 -2.51
C2 I66 C . -22.07 7.15 -2.62
O3 I66 C . -22.34 8.42 -3.04
C4 I66 C . -21.28 9.09 -3.76
C5 I66 C . -21.75 10.50 -4.06
C6 I66 C . -23.14 6.36 -1.99
C7 I66 C . -23.07 5.44 -0.80
C8 I66 C . -22.08 5.00 0.10
C9 I66 C . -22.43 4.11 1.12
O10 I66 C . -21.48 3.69 1.99
C11 I66 C . -23.72 3.63 1.25
C12 I66 C . -24.71 4.05 0.37
C13 I66 C . -24.39 4.95 -0.65
O14 I66 C . -25.16 5.49 -1.61
C15 I66 C . -24.47 6.32 -2.41
C16 I66 C . -25.13 7.01 -3.55
C17 I66 C . -24.42 7.32 -4.73
C18 I66 C . -25.04 7.94 -5.80
C19 I66 C . -26.39 8.24 -5.69
C20 I66 C . -27.12 7.93 -4.55
C21 I66 C . -26.51 7.31 -3.47
C22 I66 C . -20.62 5.44 0.05
N23 I66 C . -19.84 4.67 -0.95
C24 I66 C . -18.45 5.20 -1.10
C25 I66 C . -17.50 3.97 -1.14
C26 I66 C . -18.46 2.77 -1.40
C27 I66 C . -19.73 3.22 -0.66
O1 I66 D . 11.72 4.95 17.04
C2 I66 D . 12.38 5.22 18.03
O3 I66 D . 12.24 4.48 19.16
C4 I66 D . 11.82 3.10 19.06
C5 I66 D . 12.01 2.43 20.42
C6 I66 D . 13.02 6.54 18.18
C7 I66 D . 12.66 7.84 17.55
C8 I66 D . 11.71 8.33 16.63
C9 I66 D . 11.74 9.68 16.28
O10 I66 D . 10.84 10.21 15.39
C11 I66 D . 12.70 10.55 16.81
C12 I66 D . 13.63 10.09 17.70
C13 I66 D . 13.60 8.75 18.05
O14 I66 D . 14.42 8.11 18.89
C15 I66 D . 14.11 6.82 19.00
C16 I66 D . 14.95 5.95 19.86
C17 I66 D . 15.14 4.61 19.54
C18 I66 D . 15.97 3.81 20.31
C19 I66 D . 16.64 4.36 21.38
C20 I66 D . 16.50 5.70 21.69
C21 I66 D . 15.67 6.51 20.92
C22 I66 D . 10.66 7.44 16.01
N23 I66 D . 11.24 6.63 14.93
C24 I66 D . 10.30 5.58 14.44
C25 I66 D . 10.28 5.63 12.89
C26 I66 D . 11.49 6.53 12.53
C27 I66 D . 11.63 7.46 13.76
#